data_7HJ7
#
_entry.id   7HJ7
#
_cell.length_a   26.426
_cell.length_b   47.452
_cell.length_c   46.641
_cell.angle_alpha   90.000
_cell.angle_beta   103.820
_cell.angle_gamma   90.000
#
_symmetry.space_group_name_H-M   'P 1 21 1'
#
loop_
_entity.id
_entity.type
_entity.pdbx_description
1 polymer 'De novo designed ABLE protein'
2 non-polymer 4-ethylbenzenesulfonamide
3 water water
#
_entity_poly.entity_id   1
_entity_poly.type   'polypeptide(L)'
_entity_poly.pdbx_seq_one_letter_code
;SVKSEYAEAAAVGQEAVAVFNTMKAAFQNGDKEAVAQYLARLASLYTRHEELLNRILEKARREGNKEAVTLMNEFTATFQ
TGKSIFNAMVAAFKNGDDDSFESYLQALEKVTAKGETLADQIAKAL
;
_entity_poly.pdbx_strand_id   A
#
# COMPACT_ATOMS: atom_id res chain seq x y z
N SER A 1 -21.62 4.67 3.84
CA SER A 1 -21.74 3.79 2.67
C SER A 1 -20.41 3.12 2.41
N VAL A 2 -20.42 2.14 1.51
CA VAL A 2 -19.17 1.52 1.10
C VAL A 2 -18.30 2.56 0.42
N LYS A 3 -18.91 3.56 -0.23
N LYS A 3 -18.91 3.56 -0.22
CA LYS A 3 -18.14 4.56 -0.95
CA LYS A 3 -18.15 4.57 -0.93
C LYS A 3 -17.39 5.47 0.03
C LYS A 3 -17.40 5.47 0.04
N SER A 4 -18.03 5.84 1.14
N SER A 4 -18.04 5.86 1.15
CA SER A 4 -17.34 6.63 2.15
CA SER A 4 -17.33 6.65 2.16
C SER A 4 -16.31 5.80 2.91
C SER A 4 -16.31 5.80 2.92
N GLU A 5 -16.59 4.51 3.09
CA GLU A 5 -15.58 3.65 3.67
C GLU A 5 -14.38 3.53 2.75
N TYR A 6 -14.57 3.59 1.44
CA TYR A 6 -13.43 3.55 0.53
C TYR A 6 -12.62 4.84 0.65
N ALA A 7 -13.30 5.98 0.81
N ALA A 7 -13.30 5.98 0.81
CA ALA A 7 -12.58 7.24 0.96
CA ALA A 7 -12.56 7.24 0.95
C ALA A 7 -11.73 7.26 2.23
C ALA A 7 -11.73 7.27 2.24
N GLU A 8 -12.23 6.64 3.29
CA GLU A 8 -11.42 6.50 4.51
C GLU A 8 -10.20 5.60 4.24
N ALA A 9 -10.41 4.47 3.57
CA ALA A 9 -9.29 3.62 3.18
C ALA A 9 -8.31 4.38 2.30
N ALA A 10 -8.82 5.21 1.40
N ALA A 10 -8.82 5.20 1.39
CA ALA A 10 -7.93 5.96 0.51
CA ALA A 10 -7.93 5.96 0.51
C ALA A 10 -7.06 6.93 1.30
C ALA A 10 -7.05 6.90 1.32
N ALA A 11 -7.62 7.56 2.34
CA ALA A 11 -6.85 8.47 3.17
C ALA A 11 -5.74 7.75 3.91
N VAL A 12 -6.08 6.58 4.47
CA VAL A 12 -5.08 5.80 5.19
C VAL A 12 -3.96 5.38 4.23
N GLY A 13 -4.31 5.03 2.99
CA GLY A 13 -3.27 4.76 2.02
C GLY A 13 -2.39 5.96 1.76
N GLN A 14 -3.00 7.16 1.70
N GLN A 14 -3.01 7.15 1.70
CA GLN A 14 -2.19 8.35 1.46
CA GLN A 14 -2.22 8.36 1.47
C GLN A 14 -1.32 8.69 2.66
C GLN A 14 -1.31 8.65 2.64
N GLU A 15 -1.74 8.31 3.86
CA GLU A 15 -0.89 8.52 5.03
C GLU A 15 0.37 7.68 4.93
N ALA A 16 0.22 6.43 4.48
CA ALA A 16 1.39 5.59 4.28
C ALA A 16 2.29 6.15 3.20
N VAL A 17 1.72 6.72 2.14
CA VAL A 17 2.56 7.36 1.13
C VAL A 17 3.42 8.46 1.76
N ALA A 18 2.80 9.28 2.62
CA ALA A 18 3.53 10.37 3.25
C ALA A 18 4.64 9.84 4.13
N VAL A 19 4.32 8.88 4.99
CA VAL A 19 5.33 8.33 5.90
C VAL A 19 6.44 7.64 5.11
N PHE A 20 6.07 6.96 4.01
N PHE A 20 6.08 7.00 4.00
CA PHE A 20 7.04 6.22 3.22
CA PHE A 20 7.09 6.34 3.17
C PHE A 20 8.05 7.15 2.56
C PHE A 20 8.12 7.35 2.68
N ASN A 21 7.59 8.28 2.02
N ASN A 21 7.66 8.52 2.22
CA ASN A 21 8.53 9.23 1.42
CA ASN A 21 8.61 9.43 1.60
C ASN A 21 9.42 9.86 2.47
C ASN A 21 9.49 10.12 2.64
N THR A 22 8.88 10.14 3.64
N THR A 22 8.98 10.36 3.85
CA THR A 22 9.70 10.61 4.77
CA THR A 22 9.84 10.87 4.91
C THR A 22 10.74 9.57 5.12
C THR A 22 10.79 9.79 5.41
N MET A 23 10.33 8.30 5.22
N MET A 23 10.40 8.52 5.25
CA MET A 23 11.25 7.23 5.55
CA MET A 23 11.33 7.44 5.59
C MET A 23 12.37 7.09 4.52
C MET A 23 12.43 7.30 4.55
N LYS A 24 12.07 7.38 3.25
CA LYS A 24 13.08 7.28 2.21
C LYS A 24 14.13 8.35 2.40
N ALA A 25 13.70 9.57 2.72
CA ALA A 25 14.66 10.65 2.99
C ALA A 25 15.54 10.32 4.18
N ALA A 26 14.96 9.79 5.24
CA ALA A 26 15.73 9.41 6.41
C ALA A 26 16.74 8.31 6.08
N PHE A 27 16.32 7.29 5.32
N PHE A 27 16.32 7.29 5.32
CA PHE A 27 17.24 6.22 4.93
CA PHE A 27 17.26 6.24 4.89
C PHE A 27 18.44 6.77 4.18
C PHE A 27 18.43 6.84 4.12
N GLN A 28 18.17 7.60 3.16
N GLN A 28 18.13 7.71 3.16
CA GLN A 28 19.25 8.17 2.37
CA GLN A 28 19.21 8.30 2.36
C GLN A 28 20.22 8.97 3.25
C GLN A 28 20.15 9.10 3.24
N ASN A 29 19.67 9.73 4.21
N ASN A 29 19.63 9.77 4.25
CA ASN A 29 20.51 10.52 5.10
CA ASN A 29 20.43 10.55 5.19
C ASN A 29 21.23 9.68 6.15
C ASN A 29 21.12 9.71 6.25
N GLY A 30 20.86 8.41 6.30
CA GLY A 30 21.53 7.55 7.25
C GLY A 30 21.00 7.61 8.66
N ASP A 31 19.77 8.08 8.86
CA ASP A 31 19.18 8.26 10.18
C ASP A 31 18.40 6.98 10.48
N LYS A 32 19.11 5.97 10.98
N LYS A 32 19.13 5.95 10.92
CA LYS A 32 18.50 4.66 11.16
CA LYS A 32 18.53 4.64 11.10
C LYS A 32 17.50 4.65 12.29
C LYS A 32 17.50 4.63 12.22
N GLU A 33 17.69 5.48 13.31
N GLU A 33 17.70 5.44 13.26
CA GLU A 33 16.71 5.52 14.40
CA GLU A 33 16.72 5.47 14.33
C GLU A 33 15.36 6.02 13.91
C GLU A 33 15.37 5.94 13.81
N ALA A 34 15.37 6.97 12.98
CA ALA A 34 14.13 7.42 12.37
C ALA A 34 13.54 6.33 11.50
N VAL A 35 14.36 5.73 10.64
CA VAL A 35 13.82 4.72 9.72
C VAL A 35 13.10 3.63 10.51
N ALA A 36 13.70 3.17 11.60
CA ALA A 36 13.07 2.11 12.40
C ALA A 36 11.67 2.52 12.85
N GLN A 37 11.53 3.74 13.35
N GLN A 37 11.52 3.74 13.33
CA GLN A 37 10.23 4.22 13.81
CA GLN A 37 10.21 4.18 13.80
C GLN A 37 9.25 4.34 12.64
C GLN A 37 9.22 4.35 12.65
N TYR A 38 9.68 4.92 11.53
CA TYR A 38 8.80 5.01 10.36
C TYR A 38 8.39 3.63 9.86
N LEU A 39 9.29 2.64 9.91
CA LEU A 39 8.91 1.30 9.44
C LEU A 39 7.84 0.68 10.34
N ALA A 40 7.93 0.92 11.65
CA ALA A 40 6.87 0.46 12.55
C ALA A 40 5.55 1.17 12.24
N ARG A 41 5.60 2.47 11.97
CA ARG A 41 4.38 3.21 11.65
C ARG A 41 3.77 2.71 10.35
N LEU A 42 4.60 2.46 9.34
CA LEU A 42 4.11 1.92 8.07
C LEU A 42 3.46 0.56 8.26
N ALA A 43 4.04 -0.27 9.13
N ALA A 43 4.08 -0.30 9.07
CA ALA A 43 3.42 -1.57 9.38
CA ALA A 43 3.47 -1.62 9.26
C ALA A 43 2.01 -1.40 9.94
C ALA A 43 2.06 -1.48 9.81
N SER A 44 1.83 -0.46 10.87
N SER A 44 1.86 -0.59 10.78
CA SER A 44 0.50 -0.26 11.45
CA SER A 44 0.54 -0.38 11.33
C SER A 44 -0.48 0.36 10.45
C SER A 44 -0.42 0.15 10.27
N LEU A 45 0.04 1.15 9.50
CA LEU A 45 -0.81 1.74 8.48
C LEU A 45 -1.21 0.72 7.41
N TYR A 46 -0.26 -0.12 6.99
CA TYR A 46 -0.61 -1.13 6.00
C TYR A 46 -1.55 -2.17 6.56
N THR A 47 -1.38 -2.55 7.83
CA THR A 47 -2.33 -3.47 8.45
C THR A 47 -3.74 -2.91 8.49
N ARG A 48 -3.87 -1.61 8.81
CA ARG A 48 -5.18 -0.95 8.84
C ARG A 48 -5.76 -0.84 7.44
N HIS A 49 -4.96 -0.46 6.46
CA HIS A 49 -5.46 -0.36 5.09
C HIS A 49 -5.98 -1.71 4.61
N GLU A 50 -5.19 -2.77 4.84
N GLU A 50 -5.20 -2.77 4.84
CA GLU A 50 -5.57 -4.10 4.41
CA GLU A 50 -5.67 -4.09 4.44
C GLU A 50 -6.89 -4.54 5.03
C GLU A 50 -7.01 -4.42 5.07
N GLU A 51 -7.11 -4.19 6.30
N GLU A 51 -7.20 -4.05 6.33
CA GLU A 51 -8.35 -4.58 6.96
CA GLU A 51 -8.47 -4.37 7.01
C GLU A 51 -9.55 -3.85 6.36
C GLU A 51 -9.63 -3.58 6.44
N LEU A 52 -9.42 -2.54 6.13
N LEU A 52 -9.42 -2.32 6.09
CA LEU A 52 -10.52 -1.78 5.54
CA LEU A 52 -10.50 -1.55 5.45
C LEU A 52 -10.83 -2.28 4.14
C LEU A 52 -10.82 -2.09 4.07
N LEU A 53 -9.80 -2.53 3.33
CA LEU A 53 -10.02 -3.06 2.00
C LEU A 53 -10.77 -4.37 2.04
N ASN A 54 -10.47 -5.23 3.03
CA ASN A 54 -11.17 -6.51 3.07
C ASN A 54 -12.63 -6.28 3.36
N ARG A 55 -12.94 -5.39 4.30
N ARG A 55 -12.93 -5.38 4.29
CA ARG A 55 -14.33 -5.12 4.61
CA ARG A 55 -14.32 -5.09 4.65
C ARG A 55 -15.06 -4.58 3.39
C ARG A 55 -15.08 -4.46 3.49
N ILE A 56 -14.42 -3.67 2.65
N ILE A 56 -14.39 -3.71 2.63
CA ILE A 56 -15.02 -3.13 1.44
CA ILE A 56 -15.04 -3.14 1.47
C ILE A 56 -15.34 -4.25 0.46
C ILE A 56 -15.32 -4.22 0.43
N LEU A 57 -14.36 -5.14 0.22
CA LEU A 57 -14.57 -6.23 -0.73
C LEU A 57 -15.70 -7.14 -0.26
N GLU A 58 -15.70 -7.49 1.03
N GLU A 58 -15.71 -7.49 1.02
CA GLU A 58 -16.77 -8.33 1.56
CA GLU A 58 -16.77 -8.34 1.54
C GLU A 58 -18.13 -7.67 1.40
C GLU A 58 -18.14 -7.67 1.37
N LYS A 59 -18.19 -6.35 1.52
CA LYS A 59 -19.48 -5.66 1.43
C LYS A 59 -19.92 -5.55 -0.03
N ALA A 60 -18.99 -5.25 -0.92
CA ALA A 60 -19.33 -5.29 -2.34
C ALA A 60 -19.82 -6.68 -2.76
N ARG A 61 -19.27 -7.75 -2.17
CA ARG A 61 -19.73 -9.10 -2.46
C ARG A 61 -21.16 -9.32 -2.00
N ARG A 62 -21.43 -8.92 -0.76
CA ARG A 62 -22.80 -9.04 -0.22
C ARG A 62 -23.79 -8.19 -1.00
N GLU A 63 -23.34 -7.07 -1.57
N GLU A 63 -23.33 -7.08 -1.58
CA GLU A 63 -24.17 -6.18 -2.36
CA GLU A 63 -24.16 -6.17 -2.36
C GLU A 63 -24.36 -6.65 -3.79
C GLU A 63 -24.34 -6.64 -3.80
N GLY A 64 -23.62 -7.67 -4.22
CA GLY A 64 -23.70 -8.16 -5.58
C GLY A 64 -23.11 -7.22 -6.62
N ASN A 65 -22.18 -6.34 -6.23
CA ASN A 65 -21.64 -5.33 -7.13
C ASN A 65 -20.48 -5.99 -7.87
N LYS A 66 -20.84 -6.73 -8.93
N LYS A 66 -20.84 -6.73 -8.92
CA LYS A 66 -19.88 -7.62 -9.58
CA LYS A 66 -19.88 -7.62 -9.59
C LYS A 66 -18.67 -6.87 -10.10
C LYS A 66 -18.66 -6.86 -10.09
N GLU A 67 -18.88 -5.70 -10.71
CA GLU A 67 -17.72 -4.96 -11.24
C GLU A 67 -16.84 -4.53 -10.09
N ALA A 68 -17.41 -4.06 -8.99
CA ALA A 68 -16.56 -3.67 -7.88
C ALA A 68 -15.80 -4.86 -7.31
N VAL A 69 -16.46 -6.02 -7.24
CA VAL A 69 -15.80 -7.21 -6.70
C VAL A 69 -14.61 -7.61 -7.57
N THR A 70 -14.79 -7.62 -8.89
CA THR A 70 -13.69 -7.93 -9.82
C THR A 70 -12.50 -6.99 -9.58
N LEU A 71 -12.75 -5.67 -9.57
CA LEU A 71 -11.69 -4.69 -9.39
C LEU A 71 -11.04 -4.83 -8.04
N MET A 72 -11.84 -5.06 -7.00
CA MET A 72 -11.25 -5.21 -5.66
C MET A 72 -10.45 -6.51 -5.52
N ASN A 73 -10.89 -7.59 -6.16
CA ASN A 73 -10.05 -8.81 -6.18
C ASN A 73 -8.70 -8.55 -6.84
N GLU A 74 -8.66 -7.78 -7.93
N GLU A 74 -8.69 -7.84 -7.98
CA GLU A 74 -7.38 -7.41 -8.52
CA GLU A 74 -7.43 -7.54 -8.65
C GLU A 74 -6.59 -6.53 -7.56
C GLU A 74 -6.57 -6.62 -7.79
N PHE A 75 -7.25 -5.52 -7.00
N PHE A 75 -7.21 -5.67 -7.11
CA PHE A 75 -6.53 -4.49 -6.23
CA PHE A 75 -6.47 -4.76 -6.23
C PHE A 75 -5.96 -5.07 -4.95
C PHE A 75 -5.90 -5.49 -5.03
N THR A 76 -6.72 -5.93 -4.26
N THR A 76 -6.69 -6.38 -4.40
CA THR A 76 -6.17 -6.51 -3.04
CA THR A 76 -6.17 -7.04 -3.21
C THR A 76 -5.03 -7.46 -3.34
C THR A 76 -4.98 -7.95 -3.55
N ALA A 77 -5.08 -8.16 -4.48
N ALA A 77 -4.94 -8.51 -4.76
CA ALA A 77 -3.95 -9.00 -4.86
CA ALA A 77 -3.77 -9.29 -5.15
C ALA A 77 -2.69 -8.16 -5.02
C ALA A 77 -2.54 -8.39 -5.32
N THR A 78 -2.79 -7.03 -5.73
N THR A 78 -2.69 -7.24 -5.96
CA THR A 78 -1.65 -6.12 -5.86
CA THR A 78 -1.56 -6.32 -6.09
C THR A 78 -1.21 -5.59 -4.51
C THR A 78 -1.13 -5.82 -4.71
N PHE A 79 -2.16 -5.42 -3.59
N PHE A 79 -2.10 -5.52 -3.83
CA PHE A 79 -1.79 -5.01 -2.24
CA PHE A 79 -1.77 -5.07 -2.48
C PHE A 79 -0.87 -6.03 -1.59
C PHE A 79 -0.88 -6.10 -1.78
N GLN A 80 -1.18 -7.32 -1.74
N GLN A 80 -1.16 -7.39 -1.98
CA GLN A 80 -0.38 -8.38 -1.13
CA GLN A 80 -0.34 -8.42 -1.36
C GLN A 80 1.02 -8.49 -1.74
C GLN A 80 1.10 -8.38 -1.88
N THR A 81 1.20 -8.00 -2.98
N THR A 81 1.27 -8.17 -3.19
CA THR A 81 2.53 -7.95 -3.57
CA THR A 81 2.62 -7.98 -3.74
C THR A 81 3.35 -6.87 -2.89
C THR A 81 3.35 -6.87 -3.01
N GLY A 82 2.81 -5.66 -2.82
N GLY A 82 2.66 -5.74 -2.80
CA GLY A 82 3.48 -4.61 -2.09
CA GLY A 82 3.25 -4.66 -2.02
C GLY A 82 3.75 -4.97 -0.65
C GLY A 82 3.62 -5.11 -0.62
N LYS A 83 2.86 -5.74 -0.03
N LYS A 83 2.70 -5.78 0.06
CA LYS A 83 3.04 -6.14 1.35
CA LYS A 83 2.96 -6.24 1.42
C LYS A 83 4.21 -7.12 1.48
C LYS A 83 4.20 -7.12 1.48
N SER A 84 4.34 -8.06 0.54
CA SER A 84 5.49 -8.96 0.55
C SER A 84 6.79 -8.18 0.38
N ILE A 85 6.80 -7.22 -0.54
CA ILE A 85 7.99 -6.41 -0.75
C ILE A 85 8.28 -5.57 0.48
N PHE A 86 7.24 -4.99 1.09
CA PHE A 86 7.42 -4.25 2.33
C PHE A 86 8.07 -5.11 3.40
N ASN A 87 7.55 -6.31 3.60
CA ASN A 87 8.11 -7.16 4.64
C ASN A 87 9.55 -7.52 4.32
N ALA A 88 9.88 -7.69 3.05
CA ALA A 88 11.27 -7.96 2.68
C ALA A 88 12.15 -6.75 2.98
N MET A 89 11.63 -5.55 2.77
CA MET A 89 12.36 -4.34 3.07
C MET A 89 12.67 -4.28 4.56
N VAL A 90 11.67 -4.60 5.38
CA VAL A 90 11.85 -4.54 6.82
C VAL A 90 12.95 -5.52 7.24
N ALA A 91 12.96 -6.70 6.64
CA ALA A 91 13.97 -7.68 6.98
C ALA A 91 15.34 -7.22 6.51
N ALA A 92 15.40 -6.61 5.33
CA ALA A 92 16.67 -6.02 4.89
C ALA A 92 17.18 -5.02 5.90
N PHE A 93 16.30 -4.20 6.46
CA PHE A 93 16.73 -3.22 7.46
C PHE A 93 17.25 -3.90 8.73
N LYS A 94 16.54 -4.92 9.21
CA LYS A 94 16.97 -5.67 10.38
C LYS A 94 18.35 -6.26 10.16
N ASN A 95 18.60 -6.76 8.96
CA ASN A 95 19.86 -7.43 8.62
C ASN A 95 20.99 -6.48 8.27
N GLY A 96 20.73 -5.19 8.11
N GLY A 96 20.73 -5.18 8.23
CA GLY A 96 21.75 -4.26 7.66
CA GLY A 96 21.76 -4.21 7.91
C GLY A 96 22.14 -4.42 6.19
C GLY A 96 22.15 -4.18 6.46
N ASP A 97 21.21 -4.88 5.35
N ASP A 97 21.27 -4.64 5.58
CA ASP A 97 21.48 -5.15 3.93
CA ASP A 97 21.56 -4.74 4.16
C ASP A 97 20.98 -3.97 3.10
C ASP A 97 20.95 -3.54 3.46
N ASP A 98 21.76 -2.89 3.10
N ASP A 98 21.77 -2.53 3.19
CA ASP A 98 21.32 -1.66 2.46
CA ASP A 98 21.27 -1.34 2.51
C ASP A 98 21.02 -1.88 0.98
C ASP A 98 21.09 -1.56 1.02
N ASP A 99 21.86 -2.66 0.30
N ASP A 99 21.82 -2.51 0.43
CA ASP A 99 21.66 -2.90 -1.12
CA ASP A 99 21.64 -2.81 -0.98
C ASP A 99 20.28 -3.50 -1.39
C ASP A 99 20.24 -3.36 -1.26
N SER A 100 19.84 -4.42 -0.54
CA SER A 100 18.51 -4.96 -0.72
C SER A 100 17.46 -3.96 -0.29
N PHE A 101 17.68 -3.24 0.80
CA PHE A 101 16.71 -2.24 1.22
C PHE A 101 16.42 -1.26 0.09
N GLU A 102 17.47 -0.71 -0.52
CA GLU A 102 17.29 0.17 -1.68
C GLU A 102 16.49 -0.52 -2.77
N SER A 103 16.79 -1.79 -3.05
N SER A 103 16.80 -1.79 -3.06
CA SER A 103 16.11 -2.52 -4.12
CA SER A 103 16.12 -2.53 -4.11
C SER A 103 14.63 -2.67 -3.82
C SER A 103 14.63 -2.66 -3.81
N TYR A 104 14.30 -3.20 -2.63
CA TYR A 104 12.89 -3.34 -2.26
C TYR A 104 12.20 -1.98 -2.17
N LEU A 105 12.91 -0.93 -1.77
N LEU A 105 12.90 -0.95 -1.71
CA LEU A 105 12.28 0.39 -1.71
CA LEU A 105 12.30 0.38 -1.64
C LEU A 105 11.82 0.84 -3.08
C LEU A 105 11.87 0.86 -3.02
N GLN A 106 12.67 0.69 -4.10
N GLN A 106 12.74 0.69 -4.02
CA GLN A 106 12.29 1.09 -5.45
CA GLN A 106 12.41 1.10 -5.38
C GLN A 106 11.16 0.22 -6.00
C GLN A 106 11.30 0.25 -5.96
N ALA A 107 11.21 -1.08 -5.73
N ALA A 107 11.27 -1.05 -5.62
CA ALA A 107 10.17 -1.97 -6.23
CA ALA A 107 10.25 -1.94 -6.16
C ALA A 107 8.82 -1.62 -5.62
C ALA A 107 8.90 -1.64 -5.55
N LEU A 108 8.81 -1.30 -4.33
N LEU A 108 8.86 -1.39 -4.24
CA LEU A 108 7.55 -0.93 -3.68
CA LEU A 108 7.59 -1.07 -3.60
C LEU A 108 6.98 0.34 -4.28
C LEU A 108 7.00 0.20 -4.19
N GLU A 109 7.84 1.26 -4.70
N GLU A 109 7.84 1.16 -4.55
CA GLU A 109 7.37 2.47 -5.36
CA GLU A 109 7.37 2.37 -5.23
C GLU A 109 6.73 2.17 -6.70
C GLU A 109 6.68 2.03 -6.53
N LYS A 110 7.33 1.27 -7.49
N LYS A 110 7.26 1.12 -7.33
CA LYS A 110 6.79 0.95 -8.81
CA LYS A 110 6.68 0.82 -8.63
C LYS A 110 5.49 0.16 -8.70
C LYS A 110 5.42 -0.03 -8.50
N VAL A 111 5.43 -0.79 -7.76
N VAL A 111 5.35 -0.89 -7.48
CA VAL A 111 4.19 -1.53 -7.54
CA VAL A 111 4.14 -1.65 -7.23
C VAL A 111 3.06 -0.57 -7.15
C VAL A 111 3.01 -0.72 -6.78
N THR A 112 3.37 0.41 -6.31
N THR A 112 3.32 0.21 -5.88
CA THR A 112 2.36 1.38 -5.89
CA THR A 112 2.32 1.14 -5.38
C THR A 112 1.95 2.29 -7.04
C THR A 112 1.86 2.10 -6.46
N ALA A 113 2.92 2.78 -7.81
N ALA A 113 2.80 2.62 -7.26
CA ALA A 113 2.60 3.68 -8.91
CA ALA A 113 2.42 3.53 -8.33
C ALA A 113 1.76 2.97 -9.97
C ALA A 113 1.49 2.85 -9.33
N LYS A 114 2.08 1.70 -10.25
N LYS A 114 1.86 1.66 -9.80
CA LYS A 114 1.28 0.94 -11.22
CA LYS A 114 1.00 0.95 -10.75
C LYS A 114 -0.16 0.84 -10.76
C LYS A 114 -0.36 0.68 -10.14
N GLY A 115 -0.38 0.43 -9.52
N GLY A 115 -0.41 0.39 -8.83
CA GLY A 115 -1.71 0.16 -9.02
CA GLY A 115 -1.68 0.04 -8.21
C GLY A 115 -2.47 1.40 -8.60
C GLY A 115 -2.71 1.16 -8.26
N GLU A 116 -2.28 2.51 -9.32
N GLU A 116 -2.26 2.42 -8.32
CA GLU A 116 -3.02 3.73 -9.01
CA GLU A 116 -3.21 3.51 -8.20
C GLU A 116 -4.20 3.98 -9.95
C GLU A 116 -4.15 3.60 -9.38
N THR A 117 -4.06 3.72 -11.24
N THR A 117 -3.78 3.04 -10.53
CA THR A 117 -5.20 3.90 -12.13
CA THR A 117 -4.69 3.02 -11.66
C THR A 117 -6.35 2.97 -11.75
C THR A 117 -5.97 2.25 -11.30
N LEU A 118 -6.02 1.81 -11.16
N LEU A 118 -5.81 1.06 -10.73
CA LEU A 118 -7.06 0.91 -10.67
CA LEU A 118 -6.95 0.30 -10.23
C LEU A 118 -7.71 1.45 -9.41
C LEU A 118 -7.61 0.99 -9.05
N ALA A 119 -6.92 2.10 -8.54
N ALA A 119 -6.80 1.51 -8.12
CA ALA A 119 -7.49 2.67 -7.31
CA ALA A 119 -7.38 2.18 -6.95
C ALA A 119 -8.60 3.67 -7.63
C ALA A 119 -8.34 3.27 -7.37
N ASP A 120 -8.39 4.51 -8.64
N ASP A 120 -7.99 4.03 -8.42
CA ASP A 120 -9.43 5.46 -9.02
CA ASP A 120 -8.86 5.09 -8.88
C ASP A 120 -10.62 4.75 -9.64
C ASP A 120 -10.13 4.55 -9.52
N GLN A 121 -10.40 3.62 -10.32
N GLN A 121 -10.05 3.41 -10.20
CA GLN A 121 -11.53 2.88 -10.90
CA GLN A 121 -11.23 2.83 -10.86
C GLN A 121 -12.45 2.36 -9.80
C GLN A 121 -12.20 2.23 -9.87
N ILE A 122 -11.87 1.85 -8.72
N ILE A 122 -11.71 1.76 -8.72
CA ILE A 122 -12.68 1.32 -7.62
CA ILE A 122 -12.58 1.20 -7.70
C ILE A 122 -13.53 2.42 -7.01
C ILE A 122 -13.48 2.28 -7.11
N ALA A 123 -12.96 3.61 -6.85
N ALA A 123 -12.90 3.44 -6.81
CA ALA A 123 -13.74 4.73 -6.30
CA ALA A 123 -13.70 4.57 -6.35
C ALA A 123 -15.01 4.95 -7.09
C ALA A 123 -14.91 4.77 -7.26
N LYS A 124 -14.95 4.81 -8.42
N LYS A 124 -14.66 4.81 -8.57
CA LYS A 124 -16.09 5.08 -9.26
CA LYS A 124 -15.73 5.13 -9.51
C LYS A 124 -17.07 3.90 -9.31
C LYS A 124 -16.71 3.98 -9.69
N ALA A 125 -16.61 2.69 -9.00
N ALA A 125 -16.45 2.81 -9.11
CA ALA A 125 -17.43 1.50 -9.19
CA ALA A 125 -17.31 1.66 -9.31
C ALA A 125 -18.27 1.15 -7.98
C ALA A 125 -18.19 1.31 -8.12
N LEU A 126 -17.88 1.58 -6.78
N LEU A 126 -17.85 1.77 -6.93
CA LEU A 126 -18.55 1.13 -5.57
CA LEU A 126 -18.54 1.32 -5.72
C LEU A 126 -19.96 1.70 -5.41
C LEU A 126 -19.95 1.89 -5.59
#